data_1NMX
#
_entry.id   1NMX
#
_cell.length_a   101.515
_cell.length_b   101.515
_cell.length_c   50.012
_cell.angle_alpha   90.00
_cell.angle_beta   90.00
_cell.angle_gamma   90.00
#
_symmetry.space_group_name_H-M   'P 43 21 2'
#
loop_
_entity.id
_entity.type
_entity.pdbx_description
1 polymer 'similar to THYMIDYLATE KINASE (DTMP KINASE)'
2 non-polymer 'MAGNESIUM ION'
3 non-polymer "3'-FLUORO-3'-DEOXYTHYMIDINE MONOPHOSPHATE"
4 non-polymer "ADENOSINE-5'-DIPHOSPHATE"
5 water water
#
_entity_poly.entity_id   1
_entity_poly.type   'polypeptide(L)'
_entity_poly.pdbx_seq_one_letter_code
;GSHMAARRGALIVLEGVDRAGKSTQSRKLVEALCAAGHRAELLRFPERSTEIGKLLSSYLQKKSDVEDHSVHLLFSANRW
EQVPLIKEKLSQGVTLVVDRYAFSGVAFTGAKENFSLDWCKQPDVGLPKPDLVLFLQLQLADAAKRGAFGHERYENGAFQ
ERALRCFHQLMKDTTLNWKMVDASKSIEAVHEDIRVLSEDAIATATEKPLGELWK
;
_entity_poly.pdbx_strand_id   A
#
loop_
_chem_comp.id
_chem_comp.type
_chem_comp.name
_chem_comp.formula
ADP non-polymer ADENOSINE-5'-DIPHOSPHATE 'C10 H15 N5 O10 P2'
FDM non-polymer '3'-FLUORO-3'-DEOXYTHYMIDINE MONOPHOSPHATE' 'C10 H14 F N2 O7 P'
MG non-polymer 'MAGNESIUM ION' 'Mg 2'
#
# COMPACT_ATOMS: atom_id res chain seq x y z
N ALA A 6 -21.34 -1.04 -15.12
CA ALA A 6 -20.29 -1.35 -16.12
C ALA A 6 -19.06 -0.45 -15.95
N ARG A 7 -19.29 0.71 -15.36
CA ARG A 7 -18.21 1.68 -15.16
C ARG A 7 -17.42 1.20 -13.94
N ARG A 8 -16.26 0.63 -14.20
CA ARG A 8 -15.50 0.05 -13.09
C ARG A 8 -15.05 1.07 -12.04
N GLY A 9 -14.75 0.56 -10.84
CA GLY A 9 -14.21 1.41 -9.76
C GLY A 9 -12.70 1.55 -9.96
N ALA A 10 -12.03 2.44 -9.28
CA ALA A 10 -10.59 2.61 -9.30
C ALA A 10 -9.89 1.80 -8.17
N LEU A 11 -8.64 1.42 -8.41
CA LEU A 11 -7.83 0.74 -7.38
C LEU A 11 -6.80 1.77 -6.96
N ILE A 12 -6.96 2.31 -5.75
CA ILE A 12 -6.07 3.33 -5.21
C ILE A 12 -5.24 2.81 -4.04
N VAL A 13 -3.92 2.89 -4.13
CA VAL A 13 -3.02 2.43 -3.08
C VAL A 13 -2.32 3.57 -2.37
N LEU A 14 -2.26 3.42 -1.03
CA LEU A 14 -1.52 4.38 -0.23
C LEU A 14 -0.27 3.66 0.31
N GLU A 15 0.88 4.23 -0.01
CA GLU A 15 2.17 3.78 0.50
C GLU A 15 2.82 4.97 1.22
N GLY A 16 3.89 4.73 1.99
CA GLY A 16 4.44 5.94 2.65
C GLY A 16 5.35 5.61 3.82
N VAL A 17 6.09 6.65 4.25
CA VAL A 17 7.03 6.35 5.36
C VAL A 17 6.31 6.11 6.67
N ASP A 18 7.04 5.61 7.66
CA ASP A 18 6.40 5.21 8.92
C ASP A 18 5.78 6.42 9.58
N ARG A 19 4.54 6.25 10.02
CA ARG A 19 3.80 7.31 10.66
C ARG A 19 3.47 8.49 9.79
N ALA A 20 3.60 8.29 8.46
CA ALA A 20 3.20 9.43 7.60
C ALA A 20 1.68 9.57 7.58
N GLY A 21 0.95 8.54 7.98
CA GLY A 21 -0.49 8.55 7.99
C GLY A 21 -1.19 7.70 6.95
N LYS A 22 -0.65 6.59 6.46
CA LYS A 22 -1.30 5.69 5.54
C LYS A 22 -2.65 5.25 6.05
N SER A 23 -2.73 4.80 7.33
CA SER A 23 -4.00 4.26 7.85
C SER A 23 -5.02 5.35 8.16
N THR A 24 -4.55 6.47 8.71
CA THR A 24 -5.45 7.61 8.98
C THR A 24 -6.04 8.13 7.65
N GLN A 25 -5.17 8.34 6.66
CA GLN A 25 -5.67 8.84 5.36
C GLN A 25 -6.49 7.83 4.61
N SER A 26 -6.23 6.51 4.67
CA SER A 26 -7.06 5.59 3.92
C SER A 26 -8.47 5.57 4.52
N ARG A 27 -8.52 5.56 5.88
CA ARG A 27 -9.87 5.62 6.48
C ARG A 27 -10.58 6.89 6.07
N LYS A 28 -9.98 8.05 6.19
CA LYS A 28 -10.66 9.31 5.88
C LYS A 28 -11.04 9.38 4.39
N LEU A 29 -10.19 8.81 3.52
CA LEU A 29 -10.55 8.84 2.08
C LEU A 29 -11.82 8.06 1.81
N VAL A 30 -11.94 6.84 2.32
CA VAL A 30 -13.15 6.04 2.09
C VAL A 30 -14.38 6.77 2.61
N GLU A 31 -14.28 7.31 3.83
CA GLU A 31 -15.40 8.05 4.41
C GLU A 31 -15.82 9.21 3.51
N ALA A 32 -14.85 10.01 3.05
CA ALA A 32 -15.23 11.16 2.21
C ALA A 32 -15.78 10.75 0.86
N LEU A 33 -15.20 9.73 0.20
CA LEU A 33 -15.75 9.32 -1.09
C LEU A 33 -17.20 8.86 -0.96
N CYS A 34 -17.50 8.04 0.06
CA CYS A 34 -18.86 7.56 0.26
C CYS A 34 -19.82 8.72 0.57
N ALA A 35 -19.33 9.72 1.29
CA ALA A 35 -20.18 10.86 1.60
C ALA A 35 -20.47 11.69 0.36
N ALA A 36 -19.60 11.59 -0.65
CA ALA A 36 -19.80 12.31 -1.91
C ALA A 36 -20.43 11.46 -3.00
N GLY A 37 -21.08 10.35 -2.62
CA GLY A 37 -21.86 9.53 -3.51
C GLY A 37 -21.16 8.41 -4.22
N HIS A 38 -19.87 8.18 -3.92
CA HIS A 38 -19.15 7.09 -4.55
C HIS A 38 -19.39 5.80 -3.74
N ARG A 39 -19.28 4.68 -4.39
CA ARG A 39 -19.23 3.38 -3.72
C ARG A 39 -17.73 3.11 -3.49
N ALA A 40 -17.27 3.13 -2.25
CA ALA A 40 -15.82 2.95 -2.02
C ALA A 40 -15.68 2.09 -0.77
N GLU A 41 -14.66 1.22 -0.71
CA GLU A 41 -14.41 0.38 0.44
C GLU A 41 -12.90 0.35 0.75
N LEU A 42 -12.62 0.07 2.00
CA LEU A 42 -11.20 0.01 2.45
C LEU A 42 -10.63 -1.39 2.55
N LEU A 43 -9.37 -1.56 2.10
CA LEU A 43 -8.65 -2.83 2.26
C LEU A 43 -7.27 -2.48 2.84
N ARG A 44 -6.63 -3.46 3.44
CA ARG A 44 -5.25 -3.27 3.89
C ARG A 44 -4.42 -4.54 3.69
N PHE A 45 -3.09 -4.36 3.59
CA PHE A 45 -2.19 -5.50 3.55
C PHE A 45 -1.08 -5.24 4.56
N PRO A 46 -0.68 -6.22 5.34
CA PRO A 46 -1.27 -7.54 5.32
C PRO A 46 -2.70 -7.60 5.80
N GLU A 47 -3.46 -8.53 5.29
CA GLU A 47 -4.86 -8.77 5.72
C GLU A 47 -4.70 -9.89 6.76
N ARG A 48 -4.76 -9.51 8.03
CA ARG A 48 -4.40 -10.45 9.09
C ARG A 48 -5.48 -11.43 9.46
N SER A 49 -6.62 -11.40 8.80
CA SER A 49 -7.72 -12.27 9.23
C SER A 49 -7.72 -13.65 8.62
N THR A 50 -6.96 -13.84 7.55
CA THR A 50 -6.95 -15.18 6.93
C THR A 50 -5.98 -16.13 7.60
N GLU A 51 -5.95 -17.38 7.16
CA GLU A 51 -4.96 -18.33 7.70
C GLU A 51 -3.54 -17.81 7.47
N ILE A 52 -3.26 -17.37 6.26
CA ILE A 52 -1.91 -16.81 6.01
C ILE A 52 -1.69 -15.52 6.76
N GLY A 53 -2.75 -14.72 6.87
CA GLY A 53 -2.72 -13.43 7.60
C GLY A 53 -2.36 -13.63 9.08
N LYS A 54 -2.87 -14.71 9.69
CA LYS A 54 -2.46 -14.96 11.09
C LYS A 54 -1.01 -15.34 11.24
N LEU A 55 -0.44 -16.09 10.28
CA LEU A 55 0.96 -16.41 10.30
C LEU A 55 1.77 -15.12 10.20
N LEU A 56 1.31 -14.21 9.34
CA LEU A 56 2.03 -12.94 9.16
C LEU A 56 1.96 -12.07 10.43
N SER A 57 0.81 -12.06 11.09
CA SER A 57 0.63 -11.22 12.27
C SER A 57 1.55 -11.74 13.38
N SER A 58 1.56 -13.06 13.55
CA SER A 58 2.43 -13.66 14.58
C SER A 58 3.87 -13.27 14.30
N TYR A 59 4.29 -13.33 13.03
CA TYR A 59 5.66 -12.92 12.68
C TYR A 59 5.94 -11.44 12.98
N LEU A 60 5.03 -10.55 12.60
CA LEU A 60 5.31 -9.12 12.82
C LEU A 60 5.35 -8.77 14.31
N GLN A 61 4.60 -9.54 15.10
CA GLN A 61 4.55 -9.29 16.55
C GLN A 61 5.74 -9.91 17.28
N LYS A 62 6.57 -10.65 16.55
CA LYS A 62 7.72 -11.34 17.12
C LYS A 62 7.29 -12.51 18.00
N LYS A 63 6.11 -13.05 17.78
CA LYS A 63 5.65 -14.25 18.49
C LYS A 63 6.18 -15.51 17.80
N SER A 64 6.67 -15.35 16.58
CA SER A 64 7.24 -16.47 15.84
C SER A 64 8.30 -15.92 14.89
N ASP A 65 9.20 -16.78 14.47
CA ASP A 65 10.24 -16.42 13.50
C ASP A 65 9.89 -17.19 12.22
N VAL A 66 10.11 -16.60 11.07
CA VAL A 66 9.79 -17.21 9.78
C VAL A 66 10.99 -16.96 8.88
N GLU A 67 11.40 -17.95 8.11
CA GLU A 67 12.54 -17.76 7.20
C GLU A 67 12.27 -16.65 6.20
N ASP A 68 13.25 -15.77 5.93
CA ASP A 68 12.96 -14.56 5.14
C ASP A 68 12.30 -14.76 3.78
N HIS A 69 12.71 -15.77 3.02
CA HIS A 69 12.10 -15.98 1.70
C HIS A 69 10.66 -16.43 1.87
N SER A 70 10.46 -17.41 2.79
CA SER A 70 9.12 -17.92 3.08
C SER A 70 8.18 -16.78 3.46
N VAL A 71 8.62 -15.87 4.32
CA VAL A 71 7.69 -14.82 4.78
C VAL A 71 7.40 -13.86 3.62
N HIS A 72 8.37 -13.59 2.77
CA HIS A 72 8.13 -12.73 1.59
C HIS A 72 7.03 -13.32 0.71
N LEU A 73 7.09 -14.66 0.47
CA LEU A 73 6.09 -15.32 -0.36
C LEU A 73 4.74 -15.34 0.33
N LEU A 74 4.70 -15.47 1.68
CA LEU A 74 3.40 -15.41 2.37
C LEU A 74 2.76 -14.01 2.25
N PHE A 75 3.58 -12.95 2.32
CA PHE A 75 3.01 -11.58 2.13
C PHE A 75 2.39 -11.42 0.76
N SER A 76 3.02 -12.04 -0.27
CA SER A 76 2.50 -11.97 -1.64
C SER A 76 1.27 -12.83 -1.74
N ALA A 77 1.31 -14.07 -1.18
CA ALA A 77 0.13 -14.94 -1.27
C ALA A 77 -1.07 -14.30 -0.60
N ASN A 78 -0.81 -13.50 0.42
CA ASN A 78 -1.86 -12.80 1.17
C ASN A 78 -2.53 -11.76 0.26
N ARG A 79 -1.81 -11.20 -0.72
CA ARG A 79 -2.48 -10.36 -1.72
C ARG A 79 -3.24 -11.17 -2.74
N TRP A 80 -2.61 -12.23 -3.31
CA TRP A 80 -3.30 -13.05 -4.31
C TRP A 80 -4.62 -13.65 -3.79
N GLU A 81 -4.68 -14.05 -2.52
CA GLU A 81 -5.95 -14.62 -2.00
C GLU A 81 -7.08 -13.62 -2.02
N GLN A 82 -6.78 -12.31 -2.11
CA GLN A 82 -7.82 -11.29 -2.18
C GLN A 82 -8.10 -10.84 -3.61
N VAL A 83 -7.34 -11.37 -4.59
CA VAL A 83 -7.58 -10.92 -6.00
C VAL A 83 -8.98 -11.19 -6.53
N PRO A 84 -9.60 -12.35 -6.39
CA PRO A 84 -10.98 -12.56 -6.84
C PRO A 84 -11.92 -11.51 -6.24
N LEU A 85 -11.81 -11.14 -4.98
CA LEU A 85 -12.64 -10.11 -4.36
C LEU A 85 -12.35 -8.74 -4.97
N ILE A 86 -11.08 -8.40 -5.12
CA ILE A 86 -10.70 -7.12 -5.71
C ILE A 86 -11.30 -7.01 -7.11
N LYS A 87 -11.08 -8.02 -7.96
CA LYS A 87 -11.64 -7.87 -9.33
C LYS A 87 -13.16 -7.82 -9.33
N GLU A 88 -13.81 -8.57 -8.44
CA GLU A 88 -15.28 -8.52 -8.40
C GLU A 88 -15.75 -7.11 -8.02
N LYS A 89 -15.17 -6.59 -6.95
CA LYS A 89 -15.61 -5.26 -6.49
C LYS A 89 -15.41 -4.20 -7.54
N LEU A 90 -14.21 -4.16 -8.14
CA LEU A 90 -13.93 -3.15 -9.15
C LEU A 90 -14.90 -3.26 -10.32
N SER A 91 -15.18 -4.51 -10.76
CA SER A 91 -16.07 -4.69 -11.91
C SER A 91 -17.49 -4.26 -11.56
N GLN A 92 -17.81 -4.21 -10.28
CA GLN A 92 -19.15 -3.80 -9.85
C GLN A 92 -19.28 -2.29 -9.63
N GLY A 93 -18.23 -1.55 -9.92
CA GLY A 93 -18.15 -0.11 -9.78
C GLY A 93 -17.72 0.43 -8.42
N VAL A 94 -17.17 -0.44 -7.57
CA VAL A 94 -16.73 -0.06 -6.24
C VAL A 94 -15.25 0.33 -6.24
N THR A 95 -14.91 1.52 -5.85
CA THR A 95 -13.50 1.98 -5.78
C THR A 95 -12.87 1.37 -4.52
N LEU A 96 -11.64 0.89 -4.64
CA LEU A 96 -11.00 0.25 -3.48
C LEU A 96 -9.82 1.11 -3.08
N VAL A 97 -9.72 1.43 -1.76
CA VAL A 97 -8.65 2.20 -1.21
C VAL A 97 -7.82 1.25 -0.34
N VAL A 98 -6.56 1.05 -0.67
CA VAL A 98 -5.76 -0.01 -0.02
C VAL A 98 -4.57 0.51 0.78
N ASP A 99 -4.51 0.17 2.07
CA ASP A 99 -3.42 0.60 2.97
C ASP A 99 -2.29 -0.39 2.84
N ARG A 100 -1.30 -0.02 2.05
CA ARG A 100 -0.14 -0.77 1.63
C ARG A 100 -0.47 -1.84 0.58
N TYR A 101 0.50 -2.12 -0.31
CA TYR A 101 0.31 -3.16 -1.33
C TYR A 101 1.64 -3.82 -1.67
N ALA A 102 1.82 -4.24 -2.92
CA ALA A 102 3.04 -4.96 -3.30
C ALA A 102 4.30 -4.10 -3.14
N PHE A 103 4.17 -2.76 -3.19
CA PHE A 103 5.36 -1.92 -3.08
C PHE A 103 6.01 -2.11 -1.72
N SER A 104 5.18 -2.18 -0.65
CA SER A 104 5.71 -2.40 0.71
C SER A 104 6.33 -3.82 0.81
N GLY A 105 5.72 -4.77 0.15
CA GLY A 105 6.21 -6.16 0.06
C GLY A 105 7.64 -6.13 -0.50
N VAL A 106 7.85 -5.41 -1.60
CA VAL A 106 9.25 -5.45 -2.15
C VAL A 106 10.18 -4.62 -1.30
N ALA A 107 9.73 -3.41 -0.84
CA ALA A 107 10.63 -2.55 -0.10
C ALA A 107 11.07 -3.11 1.24
N PHE A 108 10.26 -3.84 1.96
CA PHE A 108 10.60 -4.38 3.28
C PHE A 108 11.49 -5.61 3.15
N THR A 109 11.20 -6.52 2.23
CA THR A 109 12.12 -7.65 2.06
C THR A 109 13.41 -7.14 1.42
N GLY A 110 13.26 -6.23 0.48
CA GLY A 110 14.40 -5.68 -0.28
C GLY A 110 15.39 -4.99 0.63
N ALA A 111 14.95 -4.56 1.81
CA ALA A 111 15.85 -3.91 2.77
C ALA A 111 16.72 -4.92 3.53
N LYS A 112 16.45 -6.22 3.38
CA LYS A 112 17.26 -7.23 4.10
C LYS A 112 18.46 -7.56 3.23
N GLU A 113 19.52 -8.13 3.83
CA GLU A 113 20.72 -8.45 3.04
C GLU A 113 20.50 -9.56 2.02
N ASN A 114 21.13 -9.44 0.86
CA ASN A 114 21.08 -10.42 -0.19
C ASN A 114 19.70 -10.72 -0.76
N PHE A 115 18.88 -9.69 -0.96
CA PHE A 115 17.58 -9.82 -1.57
C PHE A 115 17.49 -8.83 -2.73
N SER A 116 17.53 -9.29 -3.96
CA SER A 116 17.50 -8.29 -5.06
C SER A 116 16.08 -7.77 -5.29
N LEU A 117 15.96 -6.56 -5.82
CA LEU A 117 14.62 -6.04 -6.09
C LEU A 117 13.90 -6.92 -7.11
N ASP A 118 14.61 -7.43 -8.13
CA ASP A 118 14.00 -8.30 -9.11
C ASP A 118 13.35 -9.53 -8.47
N TRP A 119 14.08 -10.23 -7.61
CA TRP A 119 13.57 -11.45 -7.00
C TRP A 119 12.33 -11.06 -6.16
N CYS A 120 12.47 -9.95 -5.44
CA CYS A 120 11.35 -9.54 -4.58
C CYS A 120 10.09 -9.21 -5.40
N LYS A 121 10.23 -8.60 -6.56
CA LYS A 121 9.03 -8.26 -7.35
C LYS A 121 8.29 -9.45 -7.93
N GLN A 122 8.97 -10.54 -8.33
CA GLN A 122 8.35 -11.58 -9.09
C GLN A 122 7.02 -12.15 -8.60
N PRO A 123 6.91 -12.50 -7.33
CA PRO A 123 5.70 -13.12 -6.83
C PRO A 123 4.44 -12.26 -7.06
N ASP A 124 4.63 -10.94 -7.06
CA ASP A 124 3.52 -10.01 -7.24
C ASP A 124 3.29 -9.62 -8.70
N VAL A 125 4.11 -10.15 -9.63
CA VAL A 125 3.85 -9.85 -11.05
C VAL A 125 2.51 -10.39 -11.46
N GLY A 126 1.68 -9.54 -12.11
CA GLY A 126 0.36 -9.92 -12.52
C GLY A 126 -0.79 -9.52 -11.61
N LEU A 127 -0.46 -8.97 -10.41
CA LEU A 127 -1.59 -8.54 -9.54
C LEU A 127 -2.35 -7.39 -10.20
N PRO A 128 -3.60 -7.16 -9.79
CA PRO A 128 -4.34 -5.98 -10.26
C PRO A 128 -3.44 -4.77 -10.12
N LYS A 129 -3.30 -3.94 -11.17
CA LYS A 129 -2.42 -2.78 -11.16
C LYS A 129 -3.16 -1.55 -10.62
N PRO A 130 -2.63 -0.91 -9.63
CA PRO A 130 -3.30 0.28 -9.10
C PRO A 130 -3.45 1.32 -10.20
N ASP A 131 -4.57 2.03 -10.16
CA ASP A 131 -4.76 3.18 -11.06
C ASP A 131 -4.05 4.41 -10.52
N LEU A 132 -3.73 4.43 -9.21
CA LEU A 132 -3.12 5.56 -8.53
C LEU A 132 -2.30 5.06 -7.31
N VAL A 133 -1.03 5.40 -7.26
CA VAL A 133 -0.23 5.00 -6.08
C VAL A 133 0.22 6.27 -5.36
N LEU A 134 -0.37 6.56 -4.20
CA LEU A 134 0.01 7.75 -3.45
C LEU A 134 1.18 7.39 -2.52
N PHE A 135 2.19 8.24 -2.48
CA PHE A 135 3.32 7.99 -1.55
C PHE A 135 3.41 9.16 -0.59
N LEU A 136 3.13 8.90 0.68
CA LEU A 136 3.10 9.91 1.73
C LEU A 136 4.50 10.16 2.29
N GLN A 137 5.08 11.30 1.96
CA GLN A 137 6.45 11.66 2.37
C GLN A 137 6.48 12.49 3.64
N LEU A 138 7.45 12.26 4.54
CA LEU A 138 7.55 12.98 5.78
C LEU A 138 9.02 12.95 6.23
N GLN A 139 9.56 14.08 6.67
CA GLN A 139 10.94 14.09 7.17
C GLN A 139 10.96 13.37 8.51
N LEU A 140 12.05 12.66 8.79
CA LEU A 140 12.16 11.91 10.05
C LEU A 140 11.97 12.76 11.28
N ALA A 141 12.29 14.05 11.26
CA ALA A 141 12.07 14.88 12.46
C ALA A 141 10.56 14.98 12.73
N ASP A 142 9.80 15.19 11.65
CA ASP A 142 8.35 15.35 11.82
C ASP A 142 7.73 14.01 12.21
N ALA A 143 8.34 12.90 11.75
CA ALA A 143 7.72 11.61 12.11
C ALA A 143 7.84 11.36 13.61
N ALA A 144 8.96 11.75 14.21
CA ALA A 144 9.25 11.53 15.61
C ALA A 144 8.22 12.15 16.56
N LYS A 145 7.69 13.29 16.16
CA LYS A 145 6.68 13.97 16.96
C LYS A 145 5.36 13.20 16.94
N ARG A 146 5.23 12.23 16.03
CA ARG A 146 3.97 11.48 15.93
C ARG A 146 3.93 10.25 16.81
N GLY A 147 4.98 10.06 17.59
CA GLY A 147 5.04 8.94 18.51
C GLY A 147 6.41 8.29 18.52
N ALA A 148 6.55 7.30 19.39
CA ALA A 148 7.80 6.56 19.52
C ALA A 148 7.63 5.33 18.62
N PHE A 149 8.75 4.69 18.29
CA PHE A 149 8.68 3.53 17.42
C PHE A 149 7.73 2.51 18.06
N GLY A 150 7.59 1.39 17.36
CA GLY A 150 6.76 0.31 17.88
C GLY A 150 7.66 -0.86 18.31
N HIS A 151 6.95 -1.88 18.80
CA HIS A 151 7.63 -3.11 19.21
C HIS A 151 7.43 -4.19 18.15
N GLU A 152 6.77 -3.88 17.03
CA GLU A 152 6.62 -4.90 15.99
C GLU A 152 7.97 -4.98 15.25
N ARG A 153 8.11 -6.03 14.45
CA ARG A 153 9.27 -6.20 13.59
C ARG A 153 9.36 -5.00 12.65
N TYR A 154 10.54 -4.64 12.23
CA TYR A 154 10.86 -3.62 11.27
C TYR A 154 10.71 -2.20 11.81
N GLU A 155 10.32 -2.09 13.07
CA GLU A 155 10.19 -0.75 13.65
C GLU A 155 11.48 -0.22 14.26
N ASN A 156 12.39 0.23 13.43
CA ASN A 156 13.66 0.81 13.85
C ASN A 156 14.13 1.67 12.67
N GLY A 157 14.77 2.78 12.97
CA GLY A 157 15.19 3.70 11.93
C GLY A 157 16.13 3.13 10.89
N ALA A 158 17.11 2.31 11.30
CA ALA A 158 18.06 1.78 10.34
C ALA A 158 17.36 0.96 9.26
N PHE A 159 16.43 0.10 9.70
CA PHE A 159 15.72 -0.74 8.71
C PHE A 159 14.77 0.10 7.86
N GLN A 160 14.08 1.04 8.49
CA GLN A 160 13.12 1.88 7.75
C GLN A 160 13.83 2.66 6.68
N GLU A 161 15.06 3.09 6.95
CA GLU A 161 15.86 3.83 5.98
C GLU A 161 16.25 3.01 4.76
N ARG A 162 16.54 1.71 4.93
CA ARG A 162 16.86 0.85 3.80
C ARG A 162 15.57 0.58 2.99
N ALA A 163 14.42 0.48 3.70
CA ALA A 163 13.17 0.27 2.95
C ALA A 163 12.85 1.51 2.11
N LEU A 164 13.11 2.69 2.67
CA LEU A 164 12.91 3.95 1.92
C LEU A 164 13.71 3.99 0.64
N ARG A 165 14.99 3.61 0.61
CA ARG A 165 15.77 3.53 -0.61
C ARG A 165 15.14 2.59 -1.62
N CYS A 166 14.59 1.46 -1.15
CA CYS A 166 13.92 0.53 -2.07
C CYS A 166 12.68 1.20 -2.66
N PHE A 167 11.87 1.86 -1.81
CA PHE A 167 10.70 2.58 -2.37
C PHE A 167 11.17 3.57 -3.46
N HIS A 168 12.26 4.29 -3.26
CA HIS A 168 12.67 5.26 -4.31
C HIS A 168 13.05 4.55 -5.61
N GLN A 169 13.59 3.34 -5.52
CA GLN A 169 13.88 2.62 -6.76
C GLN A 169 12.58 2.25 -7.49
N LEU A 170 11.55 1.88 -6.72
CA LEU A 170 10.28 1.49 -7.29
C LEU A 170 9.59 2.68 -7.94
N MET A 171 9.88 3.87 -7.40
CA MET A 171 9.23 5.06 -7.94
C MET A 171 9.77 5.47 -9.30
N LYS A 172 10.88 4.88 -9.74
CA LYS A 172 11.39 5.18 -11.08
C LYS A 172 10.56 4.50 -12.15
N ASP A 173 9.81 3.47 -11.78
CA ASP A 173 8.99 2.73 -12.73
C ASP A 173 7.88 3.64 -13.28
N THR A 174 7.94 3.99 -14.55
CA THR A 174 6.93 4.84 -15.16
C THR A 174 5.69 4.09 -15.61
N THR A 175 5.64 2.76 -15.47
CA THR A 175 4.39 2.08 -15.86
C THR A 175 3.31 2.45 -14.85
N LEU A 176 3.74 3.02 -13.72
CA LEU A 176 2.76 3.31 -12.65
C LEU A 176 2.46 4.76 -12.37
N ASN A 177 1.19 5.05 -12.04
CA ASN A 177 0.78 6.43 -11.75
C ASN A 177 1.08 6.81 -10.30
N TRP A 178 2.35 7.13 -10.02
CA TRP A 178 2.79 7.54 -8.71
C TRP A 178 2.49 9.03 -8.48
N LYS A 179 2.01 9.37 -7.28
CA LYS A 179 1.82 10.78 -6.93
C LYS A 179 2.39 11.00 -5.51
N MET A 180 3.28 11.99 -5.39
CA MET A 180 3.90 12.26 -4.09
C MET A 180 2.92 13.11 -3.27
N VAL A 181 2.81 12.86 -1.99
CA VAL A 181 1.96 13.63 -1.11
C VAL A 181 2.77 14.15 0.06
N ASP A 182 2.68 15.45 0.33
CA ASP A 182 3.42 16.03 1.46
C ASP A 182 2.65 15.77 2.75
N ALA A 183 3.01 14.67 3.43
CA ALA A 183 2.23 14.28 4.62
C ALA A 183 2.62 15.03 5.86
N SER A 184 3.39 16.13 5.71
CA SER A 184 3.82 16.95 6.84
C SER A 184 2.78 17.94 7.30
N LYS A 185 1.76 18.19 6.47
CA LYS A 185 0.70 19.11 6.84
C LYS A 185 -0.25 18.46 7.87
N SER A 186 -1.32 19.15 8.21
CA SER A 186 -2.31 18.69 9.16
C SER A 186 -3.07 17.48 8.59
N ILE A 187 -3.68 16.70 9.47
CA ILE A 187 -4.50 15.57 9.01
C ILE A 187 -5.48 16.01 7.93
N GLU A 188 -6.26 17.10 8.20
CA GLU A 188 -7.19 17.62 7.21
C GLU A 188 -6.58 18.15 5.92
N ALA A 189 -5.42 18.78 5.97
CA ALA A 189 -4.84 19.33 4.73
C ALA A 189 -4.31 18.20 3.86
N VAL A 190 -3.70 17.20 4.53
CA VAL A 190 -3.20 16.03 3.76
C VAL A 190 -4.40 15.33 3.10
N HIS A 191 -5.49 15.13 3.85
CA HIS A 191 -6.70 14.49 3.37
C HIS A 191 -7.25 15.21 2.11
N GLU A 192 -7.29 16.53 2.13
CA GLU A 192 -7.84 17.28 0.99
C GLU A 192 -6.98 17.03 -0.25
N ASP A 193 -5.66 17.00 -0.09
CA ASP A 193 -4.79 16.75 -1.24
C ASP A 193 -5.02 15.36 -1.83
N ILE A 194 -5.13 14.38 -0.92
CA ILE A 194 -5.35 12.98 -1.32
C ILE A 194 -6.73 12.81 -1.98
N ARG A 195 -7.74 13.43 -1.40
CA ARG A 195 -9.12 13.32 -1.86
C ARG A 195 -9.30 13.90 -3.27
N VAL A 196 -8.68 15.06 -3.52
CA VAL A 196 -8.77 15.62 -4.90
C VAL A 196 -8.05 14.77 -5.92
N LEU A 197 -6.86 14.23 -5.58
CA LEU A 197 -6.18 13.32 -6.51
C LEU A 197 -7.01 12.07 -6.79
N SER A 198 -7.68 11.57 -5.75
CA SER A 198 -8.48 10.36 -5.85
C SER A 198 -9.74 10.60 -6.71
N GLU A 199 -10.41 11.75 -6.55
CA GLU A 199 -11.56 12.04 -7.41
C GLU A 199 -11.14 12.03 -8.87
N ASP A 200 -9.96 12.56 -9.21
CA ASP A 200 -9.54 12.59 -10.61
C ASP A 200 -9.31 11.19 -11.15
N ALA A 201 -8.65 10.36 -10.34
CA ALA A 201 -8.37 8.98 -10.73
C ALA A 201 -9.61 8.16 -10.91
N ILE A 202 -10.61 8.36 -10.06
CA ILE A 202 -11.85 7.60 -10.15
C ILE A 202 -12.55 7.88 -11.50
N ALA A 203 -12.58 9.14 -11.84
CA ALA A 203 -13.19 9.55 -13.12
C ALA A 203 -12.48 8.90 -14.30
N THR A 204 -11.16 9.00 -14.41
CA THR A 204 -10.50 8.35 -15.57
C THR A 204 -10.48 6.82 -15.57
N ALA A 205 -10.35 6.12 -14.45
CA ALA A 205 -10.34 4.68 -14.41
C ALA A 205 -11.51 4.07 -15.17
N THR A 206 -12.67 4.75 -15.18
CA THR A 206 -13.78 4.15 -15.92
C THR A 206 -13.42 4.09 -17.41
N GLU A 207 -12.28 4.68 -17.81
CA GLU A 207 -11.98 4.68 -19.24
C GLU A 207 -11.08 3.55 -19.72
N LYS A 208 -10.22 2.97 -18.92
CA LYS A 208 -9.32 1.93 -19.44
C LYS A 208 -9.45 0.70 -18.55
N PRO A 209 -9.24 -0.48 -19.12
CA PRO A 209 -9.34 -1.71 -18.36
C PRO A 209 -8.33 -1.74 -17.22
N LEU A 210 -8.69 -2.52 -16.20
CA LEU A 210 -7.74 -2.72 -15.09
C LEU A 210 -6.47 -3.36 -15.64
N GLY A 211 -5.31 -2.86 -15.25
CA GLY A 211 -4.04 -3.41 -15.76
C GLY A 211 -3.48 -4.50 -14.83
N GLU A 212 -2.33 -5.00 -15.27
CA GLU A 212 -1.61 -6.02 -14.52
C GLU A 212 -0.30 -5.43 -14.04
N LEU A 213 0.03 -5.70 -12.76
CA LEU A 213 1.26 -5.11 -12.24
C LEU A 213 2.57 -5.72 -12.79
N TRP A 214 3.51 -4.85 -13.11
CA TRP A 214 4.86 -5.27 -13.49
C TRP A 214 4.91 -6.27 -14.65
N LYS A 215 3.94 -6.12 -15.55
CA LYS A 215 3.92 -6.93 -16.78
C LYS A 215 3.12 -6.13 -17.83
MG MG B . -0.83 2.05 9.44
MG MG C . 12.76 -12.37 -14.95
N1 FDM D . 4.98 -5.45 5.21
C6 FDM D . 3.74 -5.14 4.67
C2 FDM D . 5.89 -6.36 4.66
O2 FDM D . 6.99 -6.58 5.21
N3 FDM D . 5.55 -6.92 3.48
C4 FDM D . 4.30 -6.67 2.88
O4 FDM D . 4.01 -7.31 1.78
C5 FDM D . 3.39 -5.71 3.52
C7 FDM D . 2.06 -5.48 2.77
O4' FDM D . 4.25 -5.19 7.44
F FDM D . 6.37 -3.22 8.83
C1' FDM D . 5.23 -4.84 6.50
C2' FDM D . 5.36 -3.30 6.62
C3' FDM D . 5.20 -3.08 8.10
C4' FDM D . 4.22 -4.22 8.51
O5' FDM D . 2.27 -3.02 8.18
C5' FDM D . 2.86 -3.81 9.22
P1 FDM D . 1.39 -1.70 8.83
OP2 FDM D . 2.57 -0.74 9.20
OP1 FDM D . 0.63 -1.24 7.71
OP3 FDM D . 0.79 -2.00 10.14
PB ADP E . 0.83 4.91 9.28
O1B ADP E . 1.42 5.59 8.06
O2B ADP E . -0.31 3.99 9.02
O3B ADP E . 1.92 4.33 10.22
PA ADP E . -0.99 6.39 11.07
O1A ADP E . -1.24 5.25 11.98
O2A ADP E . -2.11 6.81 10.15
O3A ADP E . 0.33 6.19 10.16
O5' ADP E . -0.59 7.69 11.89
C5' ADP E . 0.51 7.66 12.85
C4' ADP E . 0.19 8.57 14.04
O4' ADP E . 0.38 9.93 13.61
C3' ADP E . -1.24 8.47 14.57
O3' ADP E . -1.31 8.74 15.96
C2' ADP E . -1.94 9.62 13.81
O2' ADP E . -3.03 10.19 14.51
C1' ADP E . -0.81 10.64 13.65
N9 ADP E . -0.95 11.39 12.37
C8 ADP E . -1.27 10.90 11.12
N7 ADP E . -1.24 11.83 10.18
C5 ADP E . -0.88 13.01 10.87
C6 ADP E . -0.69 14.32 10.42
N6 ADP E . -0.85 14.71 9.19
N1 ADP E . -0.34 15.15 11.42
C2 ADP E . -0.17 14.84 12.70
N3 ADP E . -0.35 13.60 13.19
C4 ADP E . -0.67 12.78 12.21
#